data_9GGA
#
_entry.id   9GGA
#
_cell.length_a   82.516
_cell.length_b   112.340
_cell.length_c   62.729
_cell.angle_alpha   90.00
_cell.angle_beta   90.00
_cell.angle_gamma   90.00
#
_symmetry.space_group_name_H-M   'C 2 2 21'
#
loop_
_entity.id
_entity.type
_entity.pdbx_description
1 polymer '14-3-3 protein sigma'
2 polymer 'Microtubule-associated protein tau'
3 non-polymer 2-bromanyl-4-[[(3~{R})-3-oxidanyl-3,4-dihydro-2~{H}-quinolin-1-yl]sulfonyl]benzaldehyde
4 water water
#
loop_
_entity_poly.entity_id
_entity_poly.type
_entity_poly.pdbx_seq_one_letter_code
_entity_poly.pdbx_strand_id
1 'polypeptide(L)'
;GAMGSMERASLIQKAKLAEQAERYEDMAAFMKGAVEKGEELS(CSO)EERNLLSVAYKNVVGGQRAAWRVLSSIEQKSNE
EGSEEKGPEVREYREKVETELQGVCDTVLGLLDSHLIKEAGDAESRVFYLKMKGDYYRYLAEVATGDDKKRIIDSARSAY
QEAMDISKKEMPPTNPIRLGLALNFSVFHYEIANSPEEAISLAKTTFDEAMADLHTLSEDSYKDSTLIMQLLRDNLTLWT
;
A
2 'polypeptide(L)' SRTP(SEP)LPTPPTRE P
#
loop_
_chem_comp.id
_chem_comp.type
_chem_comp.name
_chem_comp.formula
A1IKS non-polymer 2-bromanyl-4-[[(3~{R})-3-oxidanyl-3,4-dihydro-2~{H}-quinolin-1-yl]sulfonyl]benzaldehyde 'C16 H14 Br N O4 S'
#
# COMPACT_ATOMS: atom_id res chain seq x y z
N GLY A 1 -6.21 -17.82 -13.89
CA GLY A 1 -5.34 -18.30 -12.82
C GLY A 1 -5.33 -19.82 -12.73
N ALA A 2 -4.13 -20.39 -12.62
CA ALA A 2 -3.95 -21.83 -12.46
C ALA A 2 -4.45 -22.30 -11.11
N MET A 3 -4.84 -21.34 -10.26
CA MET A 3 -5.29 -21.61 -8.91
C MET A 3 -6.77 -21.98 -8.84
N GLY A 4 -7.45 -21.95 -10.00
CA GLY A 4 -8.88 -22.24 -10.07
C GLY A 4 -9.26 -23.63 -9.56
N SER A 5 -8.39 -24.62 -9.78
CA SER A 5 -8.68 -25.98 -9.34
C SER A 5 -8.34 -26.29 -7.89
N MET A 6 -7.73 -25.33 -7.19
CA MET A 6 -7.39 -25.51 -5.78
C MET A 6 -8.42 -24.87 -4.85
N GLU A 7 -8.75 -25.57 -3.76
CA GLU A 7 -9.63 -25.02 -2.72
C GLU A 7 -9.17 -23.68 -2.17
N ARG A 8 -10.13 -22.80 -1.92
CA ARG A 8 -9.89 -21.54 -1.25
C ARG A 8 -9.13 -21.71 0.06
N ALA A 9 -9.59 -22.65 0.91
CA ALA A 9 -8.92 -22.88 2.18
C ALA A 9 -7.46 -23.32 1.96
N SER A 10 -7.20 -24.13 0.93
CA SER A 10 -5.84 -24.57 0.63
C SER A 10 -4.91 -23.47 0.13
N LEU A 11 -5.43 -22.62 -0.77
CA LEU A 11 -4.74 -21.43 -1.21
C LEU A 11 -4.37 -20.52 -0.06
N ILE A 12 -5.27 -20.38 0.93
CA ILE A 12 -5.00 -19.54 2.08
C ILE A 12 -3.91 -20.18 2.91
N GLN A 13 -4.02 -21.49 3.18
CA GLN A 13 -3.00 -22.19 3.92
C GLN A 13 -1.64 -22.16 3.20
N LYS A 14 -1.64 -22.29 1.86
CA LYS A 14 -0.39 -22.23 1.12
C LYS A 14 0.21 -20.83 1.16
N ALA A 15 -0.63 -19.80 1.21
CA ALA A 15 -0.14 -18.43 1.29
C ALA A 15 0.60 -18.20 2.60
N LYS A 16 0.10 -18.81 3.69
CA LYS A 16 0.73 -18.71 4.99
C LYS A 16 2.07 -19.41 5.02
N LEU A 17 2.11 -20.60 4.42
CA LEU A 17 3.34 -21.35 4.23
C LEU A 17 4.39 -20.57 3.43
N ALA A 18 3.95 -19.95 2.33
CA ALA A 18 4.83 -19.18 1.47
C ALA A 18 5.43 -17.97 2.18
N GLU A 19 4.62 -17.33 3.02
CA GLU A 19 5.11 -16.26 3.87
C GLU A 19 6.27 -16.78 4.74
N GLN A 20 6.07 -17.94 5.37
CA GLN A 20 7.07 -18.50 6.27
C GLN A 20 8.34 -18.85 5.49
N ALA A 21 8.16 -19.32 4.26
CA ALA A 21 9.29 -19.67 3.43
C ALA A 21 9.91 -18.45 2.74
N GLU A 22 9.41 -17.25 3.05
CA GLU A 22 9.75 -16.03 2.33
C GLU A 22 9.67 -16.15 0.82
N ARG A 23 8.60 -16.82 0.33
CA ARG A 23 8.32 -16.98 -1.08
C ARG A 23 7.12 -16.10 -1.45
N TYR A 24 7.42 -14.82 -1.67
CA TYR A 24 6.38 -13.80 -1.76
C TYR A 24 5.69 -13.83 -3.11
N GLU A 25 6.40 -14.24 -4.18
CA GLU A 25 5.79 -14.41 -5.49
C GLU A 25 4.73 -15.50 -5.43
N ASP A 26 5.07 -16.65 -4.86
CA ASP A 26 4.08 -17.69 -4.63
C ASP A 26 2.92 -17.22 -3.73
N MET A 27 3.25 -16.43 -2.69
CA MET A 27 2.24 -16.00 -1.75
C MET A 27 1.23 -15.11 -2.47
N ALA A 28 1.74 -14.23 -3.33
CA ALA A 28 0.90 -13.35 -4.13
C ALA A 28 -0.01 -14.15 -5.06
N ALA A 29 0.55 -15.15 -5.73
CA ALA A 29 -0.21 -15.96 -6.66
C ALA A 29 -1.32 -16.71 -5.93
N PHE A 30 -0.99 -17.23 -4.73
CA PHE A 30 -1.97 -17.93 -3.93
C PHE A 30 -3.11 -16.99 -3.49
N MET A 31 -2.75 -15.81 -2.99
CA MET A 31 -3.78 -14.87 -2.56
C MET A 31 -4.61 -14.31 -3.73
N LYS A 32 -3.99 -14.17 -4.90
CA LYS A 32 -4.73 -13.79 -6.09
C LYS A 32 -5.80 -14.86 -6.34
N GLY A 33 -5.36 -16.12 -6.33
CA GLY A 33 -6.25 -17.27 -6.48
C GLY A 33 -7.42 -17.22 -5.50
N ALA A 34 -7.12 -16.89 -4.25
CA ALA A 34 -8.12 -16.84 -3.21
C ALA A 34 -9.15 -15.75 -3.49
N VAL A 35 -8.66 -14.56 -3.87
CA VAL A 35 -9.55 -13.45 -4.19
C VAL A 35 -10.49 -13.85 -5.32
N GLU A 36 -9.95 -14.53 -6.33
CA GLU A 36 -10.70 -14.89 -7.52
C GLU A 36 -11.78 -15.95 -7.29
N LYS A 37 -11.77 -16.59 -6.11
CA LYS A 37 -12.89 -17.45 -5.70
C LYS A 37 -14.17 -16.65 -5.50
N GLY A 38 -14.02 -15.32 -5.31
CA GLY A 38 -15.16 -14.43 -5.30
C GLY A 38 -15.72 -14.11 -3.91
N GLU A 39 -15.32 -14.86 -2.88
CA GLU A 39 -15.78 -14.58 -1.53
C GLU A 39 -15.03 -13.35 -1.03
N GLU A 40 -15.66 -12.58 -0.15
CA GLU A 40 -15.00 -11.48 0.54
C GLU A 40 -13.84 -12.08 1.35
N LEU A 41 -12.90 -11.22 1.76
CA LEU A 41 -11.74 -11.64 2.53
C LEU A 41 -11.95 -11.23 3.98
N SER A 42 -11.54 -12.09 4.92
CA SER A 42 -11.49 -11.74 6.32
C SER A 42 -10.40 -10.65 6.57
N CSO A 43 -10.31 -10.30 7.79
CA CSO A 43 -9.23 -9.38 8.20
CB CSO A 43 -9.42 -8.98 9.65
SG CSO A 43 -8.21 -7.76 10.24
C CSO A 43 -7.87 -10.05 7.99
O CSO A 43 -7.00 -9.43 7.32
OD CSO A 43 -6.92 -8.64 10.77
N GLU A 44 -7.68 -11.22 8.50
CA GLU A 44 -6.42 -11.93 8.37
C GLU A 44 -6.02 -12.14 6.91
N GLU A 45 -7.00 -12.49 6.08
CA GLU A 45 -6.78 -12.72 4.67
C GLU A 45 -6.45 -11.42 3.91
N ARG A 46 -7.06 -10.29 4.31
CA ARG A 46 -6.69 -9.02 3.71
C ARG A 46 -5.23 -8.75 3.96
N ASN A 47 -4.75 -9.00 5.19
CA ASN A 47 -3.35 -8.79 5.52
C ASN A 47 -2.41 -9.71 4.73
N LEU A 48 -2.81 -10.95 4.49
CA LEU A 48 -1.98 -11.86 3.71
C LEU A 48 -1.82 -11.30 2.30
N LEU A 49 -2.94 -10.83 1.72
CA LEU A 49 -2.89 -10.19 0.41
C LEU A 49 -1.94 -9.00 0.43
N SER A 50 -2.08 -8.14 1.44
CA SER A 50 -1.25 -6.94 1.50
C SER A 50 0.24 -7.29 1.62
N VAL A 51 0.59 -8.17 2.55
CA VAL A 51 1.99 -8.55 2.73
C VAL A 51 2.61 -9.18 1.48
N ALA A 52 1.86 -10.03 0.79
CA ALA A 52 2.37 -10.72 -0.37
C ALA A 52 2.76 -9.71 -1.44
N TYR A 53 1.81 -8.86 -1.82
CA TYR A 53 2.06 -7.91 -2.90
C TYR A 53 3.03 -6.79 -2.51
N LYS A 54 2.99 -6.33 -1.26
CA LYS A 54 3.93 -5.28 -0.82
C LYS A 54 5.37 -5.81 -0.94
N ASN A 55 5.59 -7.06 -0.57
CA ASN A 55 6.90 -7.64 -0.73
C ASN A 55 7.30 -7.77 -2.19
N VAL A 56 6.37 -8.19 -3.06
CA VAL A 56 6.72 -8.37 -4.47
C VAL A 56 7.08 -7.01 -5.09
N VAL A 57 6.22 -6.02 -4.91
CA VAL A 57 6.41 -4.68 -5.54
C VAL A 57 7.59 -3.96 -4.87
N GLY A 58 7.78 -4.17 -3.57
CA GLY A 58 8.92 -3.56 -2.90
C GLY A 58 10.26 -3.96 -3.50
N GLY A 59 10.41 -5.26 -3.83
CA GLY A 59 11.59 -5.75 -4.52
C GLY A 59 11.78 -5.09 -5.89
N GLN A 60 10.67 -4.97 -6.63
CA GLN A 60 10.69 -4.33 -7.93
C GLN A 60 11.00 -2.84 -7.86
N ARG A 61 10.42 -2.13 -6.88
CA ARG A 61 10.68 -0.71 -6.69
C ARG A 61 12.15 -0.45 -6.36
N ALA A 62 12.70 -1.29 -5.47
CA ALA A 62 14.11 -1.21 -5.10
C ALA A 62 15.02 -1.46 -6.29
N ALA A 63 14.70 -2.52 -7.06
CA ALA A 63 15.45 -2.80 -8.27
C ALA A 63 15.33 -1.63 -9.25
N TRP A 64 14.11 -1.10 -9.43
CA TRP A 64 13.90 0.04 -10.31
C TRP A 64 14.77 1.25 -9.96
N ARG A 65 14.89 1.55 -8.68
CA ARG A 65 15.64 2.74 -8.20
C ARG A 65 17.14 2.54 -8.46
N VAL A 66 17.68 1.39 -8.10
CA VAL A 66 19.06 1.08 -8.40
C VAL A 66 19.36 1.37 -9.88
N LEU A 67 18.54 0.80 -10.77
CA LEU A 67 18.79 0.89 -12.20
C LEU A 67 18.61 2.31 -12.73
N SER A 68 17.52 2.95 -12.32
CA SER A 68 17.22 4.32 -12.69
C SER A 68 18.34 5.26 -12.27
N SER A 69 18.91 4.98 -11.08
CA SER A 69 20.05 5.71 -10.57
C SER A 69 21.31 5.49 -11.41
N ILE A 70 21.57 4.24 -11.81
CA ILE A 70 22.70 3.97 -12.68
C ILE A 70 22.46 4.70 -14.00
N GLU A 71 21.21 4.62 -14.51
CA GLU A 71 20.84 5.23 -15.78
C GLU A 71 21.16 6.73 -15.77
N GLN A 72 20.83 7.41 -14.67
CA GLN A 72 21.07 8.84 -14.53
C GLN A 72 22.57 9.14 -14.49
N LYS A 73 23.30 8.41 -13.64
CA LYS A 73 24.73 8.59 -13.49
C LYS A 73 25.52 8.31 -14.77
N SER A 74 24.96 7.51 -15.68
CA SER A 74 25.55 7.36 -17.01
C SER A 74 24.85 8.26 -18.02
N ASN A 75 24.12 9.27 -17.51
CA ASN A 75 23.39 10.23 -18.32
C ASN A 75 22.78 9.57 -19.57
N GLY A 83 25.88 2.81 -23.50
CA GLY A 83 25.09 1.82 -24.21
C GLY A 83 23.66 1.63 -23.68
N PRO A 84 22.77 1.03 -24.51
CA PRO A 84 21.34 0.96 -24.17
C PRO A 84 20.90 -0.02 -23.08
N GLU A 85 21.80 -0.87 -22.61
CA GLU A 85 21.39 -1.97 -21.74
C GLU A 85 20.75 -1.49 -20.44
N VAL A 86 21.25 -0.42 -19.84
CA VAL A 86 20.70 0.07 -18.54
C VAL A 86 19.24 0.50 -18.76
N ARG A 87 18.97 1.24 -19.83
CA ARG A 87 17.61 1.73 -20.11
C ARG A 87 16.72 0.55 -20.46
N GLU A 88 17.21 -0.34 -21.31
CA GLU A 88 16.41 -1.49 -21.71
C GLU A 88 15.96 -2.23 -20.44
N TYR A 89 16.92 -2.49 -19.54
CA TYR A 89 16.65 -3.35 -18.40
C TYR A 89 15.78 -2.63 -17.39
N ARG A 90 15.98 -1.31 -17.25
CA ARG A 90 15.12 -0.50 -16.36
C ARG A 90 13.69 -0.52 -16.92
N GLU A 91 13.52 -0.40 -18.23
CA GLU A 91 12.19 -0.51 -18.83
C GLU A 91 11.56 -1.87 -18.56
N LYS A 92 12.35 -2.94 -18.65
CA LYS A 92 11.83 -4.28 -18.36
C LYS A 92 11.31 -4.40 -16.93
N VAL A 93 12.11 -3.95 -15.96
CA VAL A 93 11.72 -3.98 -14.56
C VAL A 93 10.47 -3.12 -14.37
N GLU A 94 10.48 -1.93 -14.98
CA GLU A 94 9.36 -1.02 -14.90
C GLU A 94 8.06 -1.62 -15.41
N THR A 95 8.11 -2.25 -16.59
CA THR A 95 6.96 -2.93 -17.17
C THR A 95 6.41 -4.01 -16.23
N GLU A 96 7.30 -4.77 -15.59
CA GLU A 96 6.90 -5.85 -14.70
C GLU A 96 6.27 -5.30 -13.41
N LEU A 97 6.83 -4.20 -12.91
CA LEU A 97 6.24 -3.50 -11.78
C LEU A 97 4.84 -3.01 -12.12
N GLN A 98 4.70 -2.40 -13.30
CA GLN A 98 3.40 -1.90 -13.73
C GLN A 98 2.38 -3.05 -13.85
N GLY A 99 2.84 -4.19 -14.35
CA GLY A 99 1.99 -5.37 -14.42
C GLY A 99 1.47 -5.83 -13.06
N VAL A 100 2.32 -5.78 -12.04
CA VAL A 100 1.94 -6.19 -10.70
C VAL A 100 0.97 -5.18 -10.13
N CYS A 101 1.23 -3.88 -10.35
CA CYS A 101 0.32 -2.86 -9.87
C CYS A 101 -1.06 -3.02 -10.54
N ASP A 102 -1.07 -3.21 -11.86
CA ASP A 102 -2.32 -3.43 -12.56
C ASP A 102 -3.06 -4.68 -12.11
N THR A 103 -2.33 -5.74 -11.73
CA THR A 103 -2.97 -6.95 -11.23
C THR A 103 -3.75 -6.65 -9.95
N VAL A 104 -3.07 -6.06 -8.96
CA VAL A 104 -3.66 -5.70 -7.69
C VAL A 104 -4.87 -4.77 -7.91
N LEU A 105 -4.68 -3.73 -8.73
CA LEU A 105 -5.76 -2.79 -8.95
C LEU A 105 -6.94 -3.49 -9.63
N GLY A 106 -6.62 -4.44 -10.51
CA GLY A 106 -7.64 -5.25 -11.14
C GLY A 106 -8.46 -6.02 -10.10
N LEU A 107 -7.78 -6.51 -9.05
CA LEU A 107 -8.44 -7.29 -8.02
C LEU A 107 -9.33 -6.39 -7.16
N LEU A 108 -8.79 -5.22 -6.82
CA LEU A 108 -9.49 -4.27 -6.00
C LEU A 108 -10.75 -3.88 -6.74
N ASP A 109 -10.62 -3.62 -8.05
CA ASP A 109 -11.75 -3.14 -8.88
C ASP A 109 -12.68 -4.29 -9.24
N SER A 110 -12.23 -5.54 -9.19
CA SER A 110 -13.08 -6.68 -9.62
C SER A 110 -13.06 -7.83 -8.59
N HIS A 111 -13.93 -7.82 -7.57
CA HIS A 111 -15.00 -6.90 -7.12
C HIS A 111 -14.84 -6.65 -5.60
N LEU A 112 -13.62 -6.60 -5.08
CA LEU A 112 -13.18 -6.41 -3.67
C LEU A 112 -13.76 -5.12 -3.08
N ILE A 113 -13.47 -3.98 -3.69
CA ILE A 113 -13.93 -2.69 -3.21
C ILE A 113 -15.45 -2.64 -3.19
N LYS A 114 -16.11 -3.00 -4.29
CA LYS A 114 -17.56 -2.84 -4.38
C LYS A 114 -18.31 -3.80 -3.48
N GLU A 115 -17.68 -4.92 -3.08
CA GLU A 115 -18.32 -5.84 -2.15
C GLU A 115 -18.00 -5.54 -0.68
N ALA A 116 -17.06 -4.63 -0.46
CA ALA A 116 -16.66 -4.20 0.88
C ALA A 116 -17.67 -3.21 1.47
N GLY A 117 -18.58 -3.71 2.32
CA GLY A 117 -19.57 -2.87 2.98
C GLY A 117 -19.07 -2.20 4.26
N ASP A 118 -18.25 -2.91 5.03
CA ASP A 118 -17.77 -2.43 6.31
C ASP A 118 -16.66 -1.41 6.11
N ALA A 119 -16.59 -0.45 7.04
CA ALA A 119 -15.55 0.57 6.99
C ALA A 119 -14.13 0.01 7.03
N GLU A 120 -13.91 -1.02 7.86
CA GLU A 120 -12.63 -1.69 8.00
C GLU A 120 -12.16 -2.23 6.65
N SER A 121 -13.04 -2.95 5.96
CA SER A 121 -12.71 -3.55 4.65
C SER A 121 -12.55 -2.48 3.56
N ARG A 122 -13.47 -1.53 3.46
CA ARG A 122 -13.46 -0.53 2.36
C ARG A 122 -12.23 0.40 2.46
N VAL A 123 -11.96 0.89 3.66
CA VAL A 123 -10.79 1.78 3.88
C VAL A 123 -9.51 0.99 3.55
N PHE A 124 -9.46 -0.26 4.01
CA PHE A 124 -8.28 -1.07 3.75
C PHE A 124 -8.01 -1.21 2.25
N TYR A 125 -9.05 -1.48 1.45
CA TYR A 125 -8.89 -1.67 0.02
C TYR A 125 -8.65 -0.34 -0.70
N LEU A 126 -9.37 0.70 -0.28
CA LEU A 126 -9.15 2.01 -0.88
C LEU A 126 -7.73 2.51 -0.62
N LYS A 127 -7.23 2.28 0.59
CA LYS A 127 -5.84 2.56 0.91
C LYS A 127 -4.85 1.84 -0.01
N MET A 128 -5.11 0.55 -0.27
CA MET A 128 -4.31 -0.25 -1.18
C MET A 128 -4.35 0.36 -2.58
N LYS A 129 -5.55 0.83 -2.97
CA LYS A 129 -5.72 1.40 -4.30
C LYS A 129 -4.82 2.61 -4.44
N GLY A 130 -4.82 3.48 -3.41
CA GLY A 130 -3.95 4.63 -3.37
C GLY A 130 -2.47 4.24 -3.46
N ASP A 131 -2.06 3.27 -2.64
CA ASP A 131 -0.68 2.80 -2.63
C ASP A 131 -0.22 2.33 -4.00
N TYR A 132 -1.09 1.59 -4.71
CA TYR A 132 -0.70 0.99 -5.97
C TYR A 132 -0.73 2.00 -7.12
N TYR A 133 -1.67 2.94 -7.11
CA TYR A 133 -1.53 4.09 -8.00
C TYR A 133 -0.29 4.94 -7.69
N ARG A 134 0.07 5.06 -6.41
CA ARG A 134 1.27 5.77 -6.03
C ARG A 134 2.52 5.11 -6.62
N TYR A 135 2.58 3.78 -6.59
CA TYR A 135 3.73 3.10 -7.14
C TYR A 135 3.84 3.31 -8.65
N LEU A 136 2.69 3.28 -9.35
CA LEU A 136 2.67 3.60 -10.77
C LEU A 136 3.14 5.03 -11.01
N ALA A 137 2.71 5.96 -10.15
CA ALA A 137 3.09 7.35 -10.28
C ALA A 137 4.60 7.51 -10.11
N GLU A 138 5.22 6.69 -9.26
CA GLU A 138 6.66 6.77 -9.05
C GLU A 138 7.47 6.59 -10.33
N VAL A 139 6.98 5.74 -11.24
CA VAL A 139 7.69 5.46 -12.48
C VAL A 139 7.09 6.14 -13.72
N ALA A 140 6.06 6.96 -13.52
CA ALA A 140 5.31 7.54 -14.63
C ALA A 140 5.89 8.86 -15.11
N THR A 141 5.79 9.12 -16.42
CA THR A 141 6.35 10.34 -17.00
C THR A 141 5.37 11.15 -17.84
N GLY A 142 5.05 12.36 -17.34
CA GLY A 142 4.38 13.39 -18.13
C GLY A 142 2.92 13.65 -17.78
N ASP A 143 2.03 13.46 -18.75
CA ASP A 143 0.61 13.80 -18.47
C ASP A 143 -0.06 12.55 -17.93
N ASP A 144 0.30 11.39 -18.48
CA ASP A 144 -0.22 10.11 -17.93
C ASP A 144 -0.04 10.18 -16.42
N LYS A 145 1.11 10.69 -16.01
CA LYS A 145 1.41 10.81 -14.57
C LYS A 145 0.32 11.64 -13.88
N LYS A 146 -0.15 12.71 -14.52
CA LYS A 146 -1.07 13.57 -13.77
C LYS A 146 -2.32 12.77 -13.42
N ARG A 147 -2.84 12.00 -14.38
CA ARG A 147 -4.03 11.20 -14.15
C ARG A 147 -3.81 10.10 -13.12
N ILE A 148 -2.64 9.46 -13.15
CA ILE A 148 -2.28 8.44 -12.17
C ILE A 148 -2.27 9.04 -10.77
N ILE A 149 -1.68 10.22 -10.67
CA ILE A 149 -1.58 10.94 -9.42
C ILE A 149 -2.97 11.27 -8.87
N ASP A 150 -3.84 11.74 -9.76
CA ASP A 150 -5.20 12.06 -9.37
C ASP A 150 -5.95 10.82 -8.91
N SER A 151 -5.69 9.68 -9.55
CA SER A 151 -6.32 8.45 -9.13
C SER A 151 -5.86 8.02 -7.75
N ALA A 152 -4.55 8.13 -7.46
CA ALA A 152 -4.07 7.84 -6.13
C ALA A 152 -4.75 8.75 -5.11
N ARG A 153 -4.77 10.06 -5.37
N ARG A 153 -4.76 10.06 -5.37
CA ARG A 153 -5.32 11.05 -4.41
CA ARG A 153 -5.33 11.04 -4.42
C ARG A 153 -6.82 10.75 -4.16
C ARG A 153 -6.82 10.75 -4.16
N SER A 154 -7.58 10.53 -5.22
CA SER A 154 -9.00 10.25 -5.09
C SER A 154 -9.24 9.00 -4.26
N ALA A 155 -8.42 7.96 -4.46
CA ALA A 155 -8.60 6.74 -3.69
C ALA A 155 -8.28 6.98 -2.21
N TYR A 156 -7.13 7.62 -1.95
CA TYR A 156 -6.75 7.97 -0.58
C TYR A 156 -7.80 8.83 0.12
N GLN A 157 -8.22 9.90 -0.57
CA GLN A 157 -9.21 10.83 -0.05
C GLN A 157 -10.52 10.12 0.34
N GLU A 158 -11.04 9.23 -0.51
CA GLU A 158 -12.27 8.53 -0.17
C GLU A 158 -12.07 7.72 1.11
N ALA A 159 -10.89 7.09 1.24
CA ALA A 159 -10.58 6.28 2.40
C ALA A 159 -10.47 7.12 3.67
N MET A 160 -9.89 8.32 3.54
CA MET A 160 -9.77 9.25 4.64
C MET A 160 -11.16 9.69 5.13
N ASP A 161 -12.05 10.04 4.18
CA ASP A 161 -13.40 10.45 4.51
C ASP A 161 -14.17 9.37 5.26
N ILE A 162 -14.03 8.10 4.84
CA ILE A 162 -14.70 7.01 5.53
C ILE A 162 -14.07 6.80 6.90
N SER A 163 -12.73 6.74 6.96
CA SER A 163 -12.07 6.46 8.25
C SER A 163 -12.34 7.54 9.28
N LYS A 164 -12.52 8.79 8.83
CA LYS A 164 -12.86 9.88 9.73
C LYS A 164 -14.26 9.77 10.29
N LYS A 165 -15.22 9.25 9.50
CA LYS A 165 -16.56 9.02 9.98
C LYS A 165 -16.76 7.74 10.79
N GLU A 166 -15.97 6.70 10.49
CA GLU A 166 -16.29 5.35 10.94
C GLU A 166 -15.31 4.70 11.92
N MET A 167 -14.12 5.29 12.08
CA MET A 167 -13.05 4.65 12.84
C MET A 167 -12.50 5.61 13.89
N PRO A 168 -12.09 5.12 15.08
CA PRO A 168 -11.45 6.00 16.05
C PRO A 168 -10.10 6.47 15.51
N PRO A 169 -9.55 7.60 16.04
CA PRO A 169 -8.27 8.12 15.57
C PRO A 169 -7.07 7.19 15.81
N THR A 170 -7.23 6.20 16.70
CA THR A 170 -6.13 5.28 17.00
C THR A 170 -6.15 4.01 16.16
N ASN A 171 -7.19 3.83 15.35
CA ASN A 171 -7.30 2.68 14.49
C ASN A 171 -6.05 2.52 13.63
N PRO A 172 -5.32 1.38 13.71
CA PRO A 172 -4.09 1.19 12.93
C PRO A 172 -4.24 1.40 11.43
N ILE A 173 -5.39 1.04 10.87
CA ILE A 173 -5.64 1.18 9.44
C ILE A 173 -5.77 2.66 9.12
N ARG A 174 -6.51 3.39 9.94
CA ARG A 174 -6.66 4.84 9.76
C ARG A 174 -5.28 5.50 9.86
N LEU A 175 -4.44 4.99 10.75
CA LEU A 175 -3.11 5.58 10.96
C LEU A 175 -2.17 5.25 9.81
N GLY A 176 -2.17 3.98 9.39
CA GLY A 176 -1.38 3.58 8.23
C GLY A 176 -1.78 4.33 6.96
N LEU A 177 -3.10 4.53 6.78
CA LEU A 177 -3.64 5.28 5.67
C LEU A 177 -3.07 6.70 5.69
N ALA A 178 -3.19 7.37 6.84
CA ALA A 178 -2.74 8.75 6.98
C ALA A 178 -1.24 8.82 6.75
N LEU A 179 -0.49 7.85 7.30
CA LEU A 179 0.95 7.75 7.04
C LEU A 179 1.28 7.72 5.55
N ASN A 180 0.67 6.77 4.82
CA ASN A 180 0.93 6.65 3.40
C ASN A 180 0.41 7.81 2.55
N PHE A 181 -0.74 8.38 2.92
CA PHE A 181 -1.30 9.51 2.20
C PHE A 181 -0.35 10.69 2.37
N SER A 182 0.23 10.80 3.56
CA SER A 182 1.15 11.89 3.85
C SER A 182 2.39 11.70 2.98
N VAL A 183 2.88 10.45 2.86
CA VAL A 183 4.03 10.15 2.02
C VAL A 183 3.71 10.57 0.59
N PHE A 184 2.49 10.24 0.14
CA PHE A 184 2.02 10.64 -1.18
C PHE A 184 2.16 12.14 -1.41
N HIS A 185 1.69 12.94 -0.42
CA HIS A 185 1.75 14.39 -0.52
C HIS A 185 3.20 14.83 -0.62
N TYR A 186 4.06 14.21 0.19
CA TYR A 186 5.45 14.66 0.27
C TYR A 186 6.22 14.26 -1.00
N GLU A 187 6.06 13.02 -1.44
CA GLU A 187 6.97 12.48 -2.44
C GLU A 187 6.46 12.51 -3.87
N ILE A 188 5.13 12.60 -4.01
CA ILE A 188 4.51 12.45 -5.30
C ILE A 188 3.84 13.75 -5.72
N ALA A 189 3.09 14.36 -4.79
CA ALA A 189 2.25 15.49 -5.12
C ALA A 189 2.96 16.83 -4.97
N ASN A 190 4.22 16.81 -4.53
CA ASN A 190 4.95 18.06 -4.29
C ASN A 190 4.18 19.04 -3.38
N SER A 191 3.62 18.50 -2.29
CA SER A 191 2.91 19.28 -1.29
C SER A 191 3.48 18.98 0.09
N PRO A 192 4.76 19.33 0.37
CA PRO A 192 5.34 18.95 1.67
C PRO A 192 4.58 19.52 2.87
N GLU A 193 3.93 20.68 2.71
CA GLU A 193 3.21 21.29 3.81
C GLU A 193 1.93 20.50 4.12
N GLU A 194 1.26 20.00 3.08
CA GLU A 194 0.10 19.14 3.28
C GLU A 194 0.51 17.85 3.99
N ALA A 195 1.64 17.28 3.54
CA ALA A 195 2.21 16.09 4.15
C ALA A 195 2.40 16.28 5.66
N ILE A 196 3.03 17.41 6.02
CA ILE A 196 3.35 17.69 7.40
C ILE A 196 2.10 17.89 8.24
N SER A 197 1.18 18.74 7.76
CA SER A 197 -0.07 19.00 8.46
C SER A 197 -0.85 17.74 8.80
N LEU A 198 -0.99 16.85 7.81
CA LEU A 198 -1.69 15.60 7.96
C LEU A 198 -1.02 14.69 8.98
N ALA A 199 0.31 14.54 8.88
CA ALA A 199 1.03 13.71 9.84
C ALA A 199 0.89 14.25 11.27
N LYS A 200 1.03 15.58 11.45
CA LYS A 200 0.91 16.21 12.76
C LYS A 200 -0.48 16.03 13.36
N THR A 201 -1.52 16.40 12.58
CA THR A 201 -2.90 16.29 12.98
C THR A 201 -3.27 14.84 13.33
N THR A 202 -2.88 13.89 12.48
CA THR A 202 -3.14 12.48 12.76
C THR A 202 -2.47 12.03 14.06
N PHE A 203 -1.19 12.37 14.21
CA PHE A 203 -0.44 12.03 15.40
C PHE A 203 -1.13 12.56 16.66
N ASP A 204 -1.55 13.83 16.64
CA ASP A 204 -2.12 14.51 17.80
C ASP A 204 -3.45 13.92 18.24
N GLU A 205 -4.34 13.62 17.29
CA GLU A 205 -5.64 13.08 17.59
C GLU A 205 -5.55 11.65 18.10
N ALA A 206 -4.55 10.89 17.62
CA ALA A 206 -4.33 9.54 18.10
C ALA A 206 -3.83 9.58 19.54
N MET A 207 -2.90 10.50 19.80
CA MET A 207 -2.34 10.61 21.13
C MET A 207 -3.42 10.96 22.17
N ALA A 208 -4.34 11.88 21.82
CA ALA A 208 -5.42 12.26 22.72
C ALA A 208 -6.40 11.13 23.03
N ASP A 209 -6.37 10.07 22.21
CA ASP A 209 -7.27 8.94 22.33
C ASP A 209 -6.60 7.66 22.86
N LEU A 210 -5.28 7.69 23.11
CA LEU A 210 -4.56 6.52 23.57
C LEU A 210 -5.10 6.01 24.90
N HIS A 211 -5.66 6.92 25.70
CA HIS A 211 -6.15 6.56 27.02
C HIS A 211 -7.26 5.50 26.99
N THR A 212 -7.93 5.35 25.84
CA THR A 212 -9.06 4.44 25.71
C THR A 212 -8.65 3.01 25.39
N LEU A 213 -7.39 2.82 24.99
CA LEU A 213 -6.91 1.55 24.49
C LEU A 213 -6.42 0.59 25.58
N SER A 214 -6.60 -0.71 25.28
CA SER A 214 -5.94 -1.80 25.98
C SER A 214 -4.46 -1.78 25.69
N GLU A 215 -3.69 -2.55 26.48
CA GLU A 215 -2.24 -2.64 26.32
C GLU A 215 -1.82 -3.07 24.91
N ASP A 216 -2.53 -4.03 24.32
CA ASP A 216 -2.18 -4.49 22.97
C ASP A 216 -2.54 -3.51 21.85
N SER A 217 -3.72 -2.88 21.94
CA SER A 217 -4.10 -1.83 21.00
C SER A 217 -3.20 -0.61 21.08
N TYR A 218 -2.82 -0.24 22.31
CA TYR A 218 -1.86 0.81 22.57
C TYR A 218 -0.52 0.57 21.87
N LYS A 219 -0.01 -0.66 22.00
CA LYS A 219 1.23 -1.06 21.34
C LYS A 219 1.11 -0.95 19.81
N ASP A 220 -0.02 -1.37 19.26
CA ASP A 220 -0.25 -1.29 17.82
C ASP A 220 -0.29 0.16 17.33
N SER A 221 -1.11 0.98 18.00
CA SER A 221 -1.24 2.38 17.62
C SER A 221 0.07 3.15 17.74
N THR A 222 0.75 3.01 18.88
CA THR A 222 1.97 3.76 19.11
C THR A 222 3.06 3.35 18.12
N LEU A 223 3.06 2.08 17.69
CA LEU A 223 4.04 1.68 16.68
C LEU A 223 3.92 2.59 15.45
N ILE A 224 2.68 2.77 14.94
CA ILE A 224 2.49 3.58 13.74
C ILE A 224 2.66 5.07 14.02
N MET A 225 2.24 5.52 15.21
CA MET A 225 2.45 6.89 15.62
C MET A 225 3.93 7.26 15.58
N GLN A 226 4.81 6.30 15.93
CA GLN A 226 6.24 6.53 15.91
C GLN A 226 6.72 6.74 14.47
N LEU A 227 6.15 5.97 13.54
CA LEU A 227 6.50 6.10 12.13
C LEU A 227 6.12 7.47 11.59
N LEU A 228 4.95 7.98 12.00
CA LEU A 228 4.56 9.36 11.74
C LEU A 228 5.58 10.36 12.28
N ARG A 229 5.99 10.20 13.53
CA ARG A 229 6.93 11.15 14.16
C ARG A 229 8.29 11.10 13.43
N ASP A 230 8.73 9.91 13.03
CA ASP A 230 10.00 9.79 12.33
C ASP A 230 9.98 10.57 11.02
N ASN A 231 8.85 10.52 10.29
CA ASN A 231 8.73 11.25 9.04
C ASN A 231 8.73 12.75 9.32
N LEU A 232 7.92 13.17 10.29
CA LEU A 232 7.88 14.58 10.65
C LEU A 232 9.27 15.11 11.01
N THR A 233 10.08 14.30 11.70
CA THR A 233 11.43 14.72 12.08
C THR A 233 12.28 14.89 10.82
N LEU A 234 12.16 13.93 9.90
CA LEU A 234 12.87 14.02 8.64
C LEU A 234 12.44 15.23 7.82
N TRP A 235 11.14 15.56 7.87
CA TRP A 235 10.57 16.58 7.00
C TRP A 235 10.68 18.01 7.54
N THR A 236 11.00 18.14 8.84
CA THR A 236 11.04 19.43 9.49
C THR A 236 12.37 19.60 10.19
N ARG B 2 14.30 8.93 0.10
CA ARG B 2 12.91 8.54 -0.07
C ARG B 2 12.34 8.19 1.31
N THR B 3 11.27 8.89 1.72
CA THR B 3 10.67 8.74 3.03
C THR B 3 9.95 7.42 3.27
N PRO B 4 10.10 6.75 4.44
CA PRO B 4 9.37 5.52 4.71
C PRO B 4 7.84 5.64 4.76
N SEP B 5 7.18 4.82 3.95
CA SEP B 5 5.77 4.50 4.09
CB SEP B 5 5.24 4.12 2.72
OG SEP B 5 6.06 3.03 2.26
C SEP B 5 5.59 3.36 5.09
O SEP B 5 6.55 2.91 5.71
P SEP B 5 5.84 2.48 0.77
O1P SEP B 5 4.35 2.11 0.72
O2P SEP B 5 6.81 1.31 0.66
O3P SEP B 5 6.17 3.61 -0.17
N LEU B 6 4.35 2.90 5.28
CA LEU B 6 4.10 1.85 6.26
C LEU B 6 4.90 0.62 5.87
N PRO B 7 5.75 0.06 6.75
CA PRO B 7 6.50 -1.15 6.40
C PRO B 7 5.58 -2.38 6.40
N THR B 8 6.10 -3.47 5.83
CA THR B 8 5.38 -4.72 5.69
C THR B 8 5.96 -5.79 6.63
N PRO B 9 5.35 -6.02 7.81
CA PRO B 9 5.94 -6.87 8.85
C PRO B 9 5.62 -8.35 8.63
C1 A1IKS C . -2.15 -0.27 5.92
C10 A1IKS C . 2.35 -2.61 10.95
C11 A1IKS C . 2.65 -2.92 9.64
C12 A1IKS C . 1.74 -3.63 8.87
C13 A1IKS C . 0.53 -4.04 9.42
C14 A1IKS C . 0.23 -3.69 10.73
C15 A1IKS C . -2.19 -3.33 8.14
C16 A1IKS C . -2.08 -2.53 7.03
C2 A1IKS C . -2.23 -1.15 7.11
C3 A1IKS C . -2.47 -0.59 8.37
C4 A1IKS C . -2.56 -1.39 9.49
C5 A1IKS C . -2.41 -2.76 9.38
C6 A1IKS C . -0.76 -4.67 12.70
C7 A1IKS C . -0.16 -3.64 13.65
C8 A1IKS C . 0.79 -2.67 12.96
C9 A1IKS C . 1.15 -2.99 11.53
N1 A1IKS C . -1.00 -4.08 11.36
O2 A1IKS C . -3.07 -5.05 10.41
O3 A1IKS C . -3.20 -3.05 11.83
O4 A1IKS C . -1.19 -2.86 14.23
S1 A1IKS C . -2.54 -3.80 10.81
BR1 A1IKS C . -1.74 -3.37 5.36
#